data_4V12
#
_entry.id   4V12
#
_cell.length_a   84.390
_cell.length_b   84.390
_cell.length_c   122.130
_cell.angle_alpha   90.00
_cell.angle_beta   90.00
_cell.angle_gamma   90.00
#
_symmetry.space_group_name_H-M   'P 41 21 2'
#
loop_
_entity.id
_entity.type
_entity.pdbx_description
1 polymer 'MAOC LIKE DOMAIN PROTEIN'
2 non-polymer (20S)-2,5,8,11,14,17-HEXAMETHYL-3,6,9,12,15,18-HEXAOXAHENICOSANE-1,20-DIOL
3 non-polymer 2-[BIS-(2-HYDROXY-ETHYL)-AMINO]-2-HYDROXYMETHYL-PROPANE-1,3-DIOL
4 water water
#
_entity_poly.entity_id   1
_entity_poly.type   'polypeptide(L)'
_entity_poly.pdbx_seq_one_letter_code
;GMTAPADTSTLESRVGHYYQMEDTYLVGREKVREFARAVQDYHPAHWNLATAADLGHPGLIAPLTFTSAPAMACNQRMFE
SVVVGYDMYLQTEEVFEQHRPIVEGDELSIDIELTSVRRIAGRDLITVTNTFTDTAGEVVHTLHTTVVGITAEDVDPAIR
PAVQGVMMHGINMLGVEETNAPYEKTVRPEGELRIAQGGATRTPTSLNFDDLKVGEELPVHTARLSRGDLVNYAGVAGDA
NPLHWDENIAKLAGQPDVIAHGMLTMGLGAGFVSSWSGDPGAITRYAVRLSQPAVVPAEGTEIEYSGRIKSLDPETRTGV
VIVAAKSGGRKIFGLATATIRFS
;
_entity_poly.pdbx_strand_id   A
#
loop_
_chem_comp.id
_chem_comp.type
_chem_comp.name
_chem_comp.formula
BTB non-polymer 2-[BIS-(2-HYDROXY-ETHYL)-AMINO]-2-HYDROXYMETHYL-PROPANE-1,3-DIOL 'C8 H19 N O5'
POG non-polymer (20S)-2,5,8,11,14,17-HEXAMETHYL-3,6,9,12,15,18-HEXAOXAHENICOSANE-1,20-DIOL 'C21 H44 O8'
#
# COMPACT_ATOMS: atom_id res chain seq x y z
N ASP A 7 29.77 -9.81 -10.89
CA ASP A 7 28.64 -10.60 -11.39
C ASP A 7 27.40 -10.39 -10.52
N THR A 8 26.29 -10.07 -11.18
CA THR A 8 25.01 -9.89 -10.49
C THR A 8 23.91 -10.72 -11.15
N SER A 9 24.20 -12.00 -11.39
CA SER A 9 23.24 -12.88 -12.00
C SER A 9 22.17 -13.34 -11.00
N THR A 10 22.52 -13.36 -9.72
CA THR A 10 21.60 -13.86 -8.69
C THR A 10 20.82 -12.75 -8.00
N LEU A 11 19.55 -13.04 -7.73
CA LEU A 11 18.68 -12.12 -6.99
C LEU A 11 19.34 -11.65 -5.69
N GLU A 12 19.96 -12.59 -4.98
CA GLU A 12 20.59 -12.29 -3.71
C GLU A 12 21.71 -11.25 -3.85
N SER A 13 22.45 -11.32 -4.96
CA SER A 13 23.57 -10.41 -5.18
C SER A 13 23.09 -8.99 -5.50
N ARG A 14 21.80 -8.87 -5.84
CA ARG A 14 21.26 -7.58 -6.27
C ARG A 14 20.62 -6.80 -5.13
N VAL A 15 20.63 -7.35 -3.91
CA VAL A 15 20.12 -6.60 -2.75
C VAL A 15 20.91 -5.30 -2.62
N GLY A 16 20.18 -4.20 -2.44
CA GLY A 16 20.76 -2.87 -2.43
C GLY A 16 20.53 -2.14 -3.73
N HIS A 17 20.00 -2.83 -4.74
CA HIS A 17 19.73 -2.17 -6.00
C HIS A 17 18.80 -0.99 -5.78
N TYR A 18 19.16 0.13 -6.41
CA TYR A 18 18.51 1.40 -6.17
C TYR A 18 18.32 2.17 -7.46
N TYR A 19 17.15 2.76 -7.64
CA TYR A 19 17.01 3.74 -8.72
C TYR A 19 15.98 4.81 -8.34
N GLN A 20 16.11 5.96 -8.98
CA GLN A 20 15.17 7.06 -8.81
C GLN A 20 14.37 7.26 -10.07
N MET A 21 13.12 7.67 -9.94
CA MET A 21 12.38 8.07 -11.13
C MET A 21 12.82 9.44 -11.60
N GLU A 22 12.90 9.61 -12.91
CA GLU A 22 13.31 10.90 -13.44
C GLU A 22 12.22 11.94 -13.25
N ASP A 23 10.97 11.51 -13.34
CA ASP A 23 9.84 12.43 -13.25
C ASP A 23 9.30 12.50 -11.84
N THR A 24 8.94 13.70 -11.42
CA THR A 24 8.24 13.85 -10.17
C THR A 24 6.82 13.37 -10.33
N TYR A 25 6.13 13.19 -9.21
CA TYR A 25 4.73 12.86 -9.18
C TYR A 25 3.95 13.97 -8.49
N LEU A 26 3.06 14.63 -9.21
CA LEU A 26 2.29 15.73 -8.66
C LEU A 26 0.98 15.23 -8.08
N VAL A 27 0.79 15.44 -6.78
CA VAL A 27 -0.43 14.98 -6.11
C VAL A 27 -1.61 15.90 -6.43
N GLY A 28 -2.62 15.38 -7.13
CA GLY A 28 -3.72 16.23 -7.55
C GLY A 28 -4.95 16.13 -6.69
N ARG A 29 -5.61 17.26 -6.49
CA ARG A 29 -6.85 17.34 -5.71
C ARG A 29 -7.88 16.29 -6.12
N GLU A 30 -8.23 16.23 -7.40
CA GLU A 30 -9.29 15.29 -7.78
C GLU A 30 -8.83 13.83 -7.64
N LYS A 31 -7.54 13.56 -7.85
CA LYS A 31 -7.04 12.18 -7.66
C LYS A 31 -7.13 11.77 -6.19
N VAL A 32 -6.91 12.70 -5.27
CA VAL A 32 -7.05 12.40 -3.85
C VAL A 32 -8.50 11.95 -3.58
N ARG A 33 -9.45 12.69 -4.13
CA ARG A 33 -10.86 12.34 -3.97
C ARG A 33 -11.18 11.01 -4.62
N GLU A 34 -10.64 10.78 -5.80
CA GLU A 34 -10.92 9.56 -6.55
C GLU A 34 -10.39 8.35 -5.80
N PHE A 35 -9.19 8.49 -5.24
CA PHE A 35 -8.62 7.38 -4.47
C PHE A 35 -9.43 7.14 -3.20
N ALA A 36 -9.82 8.22 -2.52
CA ALA A 36 -10.64 8.07 -1.31
C ALA A 36 -11.91 7.32 -1.65
N ARG A 37 -12.55 7.72 -2.74
CA ARG A 37 -13.76 7.00 -3.19
C ARG A 37 -13.48 5.50 -3.42
N ALA A 38 -12.34 5.21 -4.04
CA ALA A 38 -12.00 3.82 -4.39
C ALA A 38 -11.79 2.95 -3.15
N VAL A 39 -11.40 3.55 -2.02
CA VAL A 39 -11.27 2.80 -0.77
C VAL A 39 -12.39 3.13 0.23
N GLN A 40 -13.50 3.66 -0.29
CA GLN A 40 -14.71 3.94 0.51
C GLN A 40 -14.39 4.75 1.77
N ASP A 41 -13.52 5.74 1.60
CA ASP A 41 -13.08 6.60 2.71
C ASP A 41 -13.65 7.98 2.56
N TYR A 42 -14.56 8.33 3.46
CA TYR A 42 -15.31 9.58 3.32
C TYR A 42 -14.92 10.60 4.39
N HIS A 43 -13.73 10.44 4.96
CA HIS A 43 -13.28 11.47 5.89
C HIS A 43 -13.19 12.81 5.17
N PRO A 44 -13.75 13.86 5.77
CA PRO A 44 -13.81 15.16 5.07
C PRO A 44 -12.44 15.73 4.70
N ALA A 45 -11.37 15.34 5.40
CA ALA A 45 -10.07 15.87 5.02
C ALA A 45 -9.62 15.40 3.64
N HIS A 46 -10.25 14.35 3.10
CA HIS A 46 -9.93 13.85 1.76
C HIS A 46 -10.84 14.42 0.70
N TRP A 47 -11.80 15.26 1.11
CA TRP A 47 -12.90 15.66 0.25
C TRP A 47 -13.22 17.13 0.19
N ASN A 48 -13.29 17.77 1.34
CA ASN A 48 -13.90 19.10 1.44
C ASN A 48 -12.83 20.13 1.76
N LEU A 49 -12.63 21.10 0.87
CA LEU A 49 -11.56 22.09 1.04
C LEU A 49 -11.70 22.92 2.31
N ALA A 50 -12.92 23.37 2.60
CA ALA A 50 -13.13 24.23 3.77
C ALA A 50 -12.89 23.45 5.07
N THR A 51 -13.34 22.21 5.12
CA THR A 51 -13.13 21.42 6.33
C THR A 51 -11.66 21.05 6.48
N ALA A 52 -11.00 20.70 5.37
CA ALA A 52 -9.55 20.45 5.44
C ALA A 52 -8.82 21.66 6.02
N ALA A 53 -9.22 22.88 5.63
CA ALA A 53 -8.63 24.09 6.21
C ALA A 53 -8.94 24.21 7.70
N ASP A 54 -10.18 23.91 8.08
CA ASP A 54 -10.57 23.95 9.49
C ASP A 54 -9.71 23.00 10.33
N LEU A 55 -9.28 21.91 9.69
CA LEU A 55 -8.51 20.88 10.36
C LEU A 55 -7.01 21.14 10.28
N GLY A 56 -6.63 22.30 9.77
CA GLY A 56 -5.24 22.73 9.77
C GLY A 56 -4.41 22.32 8.58
N HIS A 57 -5.06 21.85 7.52
CA HIS A 57 -4.35 21.44 6.31
C HIS A 57 -4.38 22.53 5.26
N PRO A 58 -3.34 22.61 4.41
CA PRO A 58 -3.26 23.59 3.33
C PRO A 58 -4.06 23.19 2.07
N GLY A 59 -4.74 22.05 2.14
CA GLY A 59 -5.52 21.52 1.02
C GLY A 59 -5.99 20.14 1.46
N LEU A 60 -6.62 19.40 0.55
CA LEU A 60 -6.99 18.02 0.88
C LEU A 60 -5.76 17.19 1.18
N ILE A 61 -5.87 16.26 2.11
CA ILE A 61 -4.76 15.34 2.34
C ILE A 61 -5.08 13.99 1.75
N ALA A 62 -4.03 13.27 1.39
CA ALA A 62 -4.20 11.94 0.77
C ALA A 62 -4.57 10.88 1.82
N PRO A 63 -5.46 9.94 1.45
CA PRO A 63 -5.61 8.73 2.27
C PRO A 63 -4.27 8.06 2.48
N LEU A 64 -4.10 7.37 3.62
CA LEU A 64 -2.81 6.84 4.00
C LEU A 64 -2.19 5.95 2.91
N THR A 65 -3.00 5.09 2.29
CA THR A 65 -2.44 4.13 1.35
C THR A 65 -2.39 4.63 -0.10
N PHE A 66 -2.70 5.92 -0.30
CA PHE A 66 -2.62 6.58 -1.62
C PHE A 66 -1.28 6.30 -2.32
N THR A 67 -0.21 6.30 -1.54
CA THR A 67 1.13 6.13 -2.08
C THR A 67 1.32 4.83 -2.84
N SER A 68 0.46 3.85 -2.59
CA SER A 68 0.56 2.57 -3.30
C SER A 68 0.43 2.78 -4.80
N ALA A 69 -0.36 3.76 -5.23
CA ALA A 69 -0.63 3.93 -6.66
C ALA A 69 0.62 4.45 -7.40
N PRO A 70 1.17 5.63 -7.02
CA PRO A 70 2.39 5.99 -7.74
C PRO A 70 3.56 5.03 -7.51
N ALA A 71 3.65 4.40 -6.33
CA ALA A 71 4.75 3.45 -6.10
C ALA A 71 4.70 2.28 -7.07
N MET A 72 3.50 1.74 -7.32
CA MET A 72 3.41 0.57 -8.19
C MET A 72 3.92 0.89 -9.60
N ALA A 73 3.62 2.09 -10.07
CA ALA A 73 4.13 2.56 -11.36
C ALA A 73 5.66 2.60 -11.35
N CYS A 74 6.23 3.18 -10.29
N CYS A 74 6.15 3.13 -10.24
CA CYS A 74 7.69 3.29 -10.17
CA CYS A 74 7.53 3.35 -9.98
C CYS A 74 8.37 1.95 -10.09
C CYS A 74 8.36 2.07 -9.88
N ASN A 75 7.69 0.99 -9.47
CA ASN A 75 8.34 -0.28 -9.14
C ASN A 75 8.36 -1.27 -10.29
N GLN A 76 7.85 -0.86 -11.44
CA GLN A 76 7.76 -1.76 -12.59
C GLN A 76 9.14 -2.31 -12.96
N ARG A 77 10.13 -1.43 -13.12
CA ARG A 77 11.49 -1.89 -13.47
C ARG A 77 12.05 -2.86 -12.42
N MET A 78 11.82 -2.57 -11.15
CA MET A 78 12.36 -3.42 -10.09
C MET A 78 11.86 -4.85 -10.25
N PHE A 79 10.55 -5.02 -10.44
CA PHE A 79 9.97 -6.36 -10.46
C PHE A 79 10.13 -7.04 -11.82
N GLU A 80 10.21 -6.26 -12.89
CA GLU A 80 10.37 -6.83 -14.23
C GLU A 80 11.81 -7.18 -14.54
N SER A 81 12.72 -6.22 -14.34
CA SER A 81 14.10 -6.38 -14.79
C SER A 81 15.10 -6.72 -13.68
N VAL A 82 14.86 -6.24 -12.47
CA VAL A 82 15.84 -6.45 -11.41
C VAL A 82 15.62 -7.77 -10.68
N VAL A 83 14.38 -8.01 -10.25
CA VAL A 83 14.07 -9.25 -9.56
C VAL A 83 13.95 -10.35 -10.58
N VAL A 84 15.06 -11.07 -10.74
CA VAL A 84 15.15 -12.16 -11.68
C VAL A 84 14.75 -13.46 -10.99
N GLY A 85 14.13 -14.36 -11.73
CA GLY A 85 13.74 -15.64 -11.19
C GLY A 85 12.23 -15.76 -11.03
N TYR A 86 11.54 -14.63 -11.02
CA TYR A 86 10.10 -14.61 -10.80
C TYR A 86 9.34 -13.68 -11.76
N ASP A 87 8.20 -14.12 -12.24
N ASP A 87 8.20 -14.17 -12.24
CA ASP A 87 7.35 -13.24 -13.03
CA ASP A 87 7.29 -13.42 -13.10
C ASP A 87 5.97 -13.12 -12.38
C ASP A 87 6.03 -13.06 -12.33
N MET A 88 5.85 -13.71 -11.19
CA MET A 88 4.62 -13.64 -10.43
C MET A 88 4.96 -13.47 -8.96
N TYR A 89 4.14 -12.70 -8.25
CA TYR A 89 4.40 -12.38 -6.84
C TYR A 89 3.12 -12.41 -6.04
N LEU A 90 3.26 -12.61 -4.74
CA LEU A 90 2.15 -12.51 -3.82
C LEU A 90 2.51 -11.54 -2.70
N GLN A 91 1.73 -10.48 -2.55
CA GLN A 91 1.95 -9.54 -1.45
C GLN A 91 1.73 -10.24 -0.11
N THR A 92 2.68 -10.08 0.80
CA THR A 92 2.58 -10.70 2.12
C THR A 92 2.50 -9.66 3.25
N GLU A 93 3.10 -8.49 3.03
CA GLU A 93 3.23 -7.54 4.13
C GLU A 93 3.47 -6.15 3.61
N GLU A 94 2.92 -5.14 4.27
CA GLU A 94 3.17 -3.77 3.89
C GLU A 94 3.37 -2.94 5.13
N VAL A 95 4.25 -1.96 5.02
CA VAL A 95 4.37 -0.96 6.08
C VAL A 95 4.30 0.41 5.43
N PHE A 96 3.41 1.26 5.95
CA PHE A 96 3.26 2.67 5.55
C PHE A 96 3.78 3.54 6.68
N GLU A 97 4.75 4.41 6.40
CA GLU A 97 5.22 5.40 7.39
C GLU A 97 4.84 6.80 6.91
N GLN A 98 3.93 7.43 7.63
CA GLN A 98 3.42 8.74 7.27
C GLN A 98 4.18 9.80 8.07
N HIS A 99 5.33 10.24 7.53
CA HIS A 99 6.18 11.20 8.26
C HIS A 99 5.54 12.57 8.33
N ARG A 100 4.82 12.96 7.27
CA ARG A 100 3.83 14.03 7.39
C ARG A 100 2.72 13.71 6.37
N PRO A 101 1.53 14.27 6.60
CA PRO A 101 0.46 13.99 5.63
C PRO A 101 0.80 14.59 4.27
N ILE A 102 0.57 13.80 3.23
CA ILE A 102 0.72 14.28 1.86
C ILE A 102 -0.49 15.14 1.50
N VAL A 103 -0.25 16.28 0.84
N VAL A 103 -0.25 16.27 0.86
CA VAL A 103 -1.35 17.19 0.54
CA VAL A 103 -1.29 17.24 0.54
C VAL A 103 -1.44 17.43 -0.96
C VAL A 103 -1.45 17.38 -0.97
N GLU A 104 -2.63 17.80 -1.42
CA GLU A 104 -2.80 18.23 -2.82
C GLU A 104 -1.74 19.30 -3.11
N GLY A 105 -1.10 19.17 -4.26
CA GLY A 105 -0.06 20.12 -4.65
C GLY A 105 1.34 19.69 -4.26
N ASP A 106 1.46 18.68 -3.41
CA ASP A 106 2.79 18.10 -3.18
C ASP A 106 3.37 17.57 -4.51
N GLU A 107 4.67 17.77 -4.69
CA GLU A 107 5.37 17.24 -5.89
C GLU A 107 6.48 16.35 -5.36
N LEU A 108 6.35 15.07 -5.62
CA LEU A 108 7.15 14.05 -4.92
C LEU A 108 8.13 13.34 -5.83
N SER A 109 9.35 13.23 -5.33
CA SER A 109 10.39 12.48 -6.00
C SER A 109 10.41 11.10 -5.38
N ILE A 110 10.27 10.07 -6.21
CA ILE A 110 10.12 8.70 -5.69
C ILE A 110 11.34 7.87 -6.05
N ASP A 111 11.87 7.13 -5.09
CA ASP A 111 12.92 6.18 -5.39
C ASP A 111 12.52 4.78 -4.95
N ILE A 112 13.35 3.83 -5.32
CA ILE A 112 13.04 2.41 -5.26
C ILE A 112 14.29 1.67 -4.82
N GLU A 113 14.21 0.86 -3.78
CA GLU A 113 15.38 0.11 -3.32
C GLU A 113 15.02 -1.32 -2.97
N LEU A 114 15.82 -2.26 -3.43
CA LEU A 114 15.64 -3.65 -3.06
C LEU A 114 16.30 -3.81 -1.71
N THR A 115 15.53 -3.76 -0.62
N THR A 115 15.51 -3.76 -0.64
CA THR A 115 16.15 -3.61 0.70
CA THR A 115 16.07 -3.66 0.70
C THR A 115 16.36 -4.91 1.45
C THR A 115 16.47 -5.04 1.24
N SER A 116 15.77 -6.00 0.99
N SER A 116 15.63 -6.04 0.98
CA SER A 116 16.09 -7.32 1.52
CA SER A 116 15.80 -7.34 1.61
C SER A 116 15.49 -8.42 0.68
C SER A 116 15.38 -8.49 0.71
N VAL A 117 16.19 -9.54 0.65
CA VAL A 117 15.75 -10.79 0.05
C VAL A 117 16.10 -11.87 1.07
N ARG A 118 15.07 -12.52 1.62
CA ARG A 118 15.25 -13.51 2.66
C ARG A 118 14.69 -14.86 2.22
N ARG A 119 15.52 -15.89 2.27
CA ARG A 119 15.12 -17.24 1.93
C ARG A 119 14.52 -17.91 3.16
N ILE A 120 13.23 -18.23 3.08
CA ILE A 120 12.50 -18.80 4.21
C ILE A 120 11.59 -19.91 3.73
N ALA A 121 11.83 -21.12 4.21
CA ALA A 121 11.03 -22.28 3.82
C ALA A 121 10.99 -22.45 2.29
N GLY A 122 12.17 -22.47 1.68
CA GLY A 122 12.32 -22.65 0.24
C GLY A 122 11.85 -21.47 -0.60
N ARG A 123 11.34 -20.43 0.06
CA ARG A 123 10.74 -19.30 -0.63
C ARG A 123 11.57 -18.04 -0.47
N ASP A 124 11.41 -17.11 -1.41
CA ASP A 124 12.06 -15.81 -1.28
C ASP A 124 11.06 -14.74 -0.89
N LEU A 125 11.31 -14.13 0.27
CA LEU A 125 10.58 -12.94 0.70
C LEU A 125 11.37 -11.74 0.26
N ILE A 126 10.75 -10.94 -0.60
CA ILE A 126 11.43 -9.87 -1.29
C ILE A 126 10.83 -8.54 -0.87
N THR A 127 11.65 -7.67 -0.28
CA THR A 127 11.13 -6.39 0.18
C THR A 127 11.69 -5.26 -0.65
N VAL A 128 10.78 -4.42 -1.15
N VAL A 128 10.80 -4.46 -1.21
CA VAL A 128 11.12 -3.24 -1.95
CA VAL A 128 11.21 -3.24 -1.86
C VAL A 128 10.63 -1.99 -1.21
C VAL A 128 10.74 -2.08 -1.01
N THR A 129 11.54 -1.04 -0.98
CA THR A 129 11.20 0.17 -0.22
C THR A 129 11.12 1.37 -1.16
N ASN A 130 10.07 2.17 -1.02
CA ASN A 130 9.99 3.45 -1.72
C ASN A 130 10.05 4.58 -0.74
N THR A 131 10.73 5.66 -1.08
CA THR A 131 10.62 6.87 -0.29
C THR A 131 10.06 7.96 -1.21
N PHE A 132 9.33 8.89 -0.59
CA PHE A 132 8.69 10.00 -1.29
C PHE A 132 9.23 11.28 -0.72
N THR A 133 9.94 12.05 -1.53
CA THR A 133 10.61 13.26 -1.09
C THR A 133 9.94 14.50 -1.67
N ASP A 134 9.66 15.49 -0.83
CA ASP A 134 8.91 16.66 -1.29
C ASP A 134 9.84 17.74 -1.83
N THR A 135 9.28 18.90 -2.10
CA THR A 135 10.06 19.98 -2.73
C THR A 135 11.04 20.66 -1.76
N ALA A 136 10.91 20.37 -0.46
CA ALA A 136 11.87 20.82 0.52
C ALA A 136 12.93 19.76 0.78
N GLY A 137 12.92 18.70 -0.03
CA GLY A 137 13.92 17.66 0.09
C GLY A 137 13.78 16.76 1.30
N GLU A 138 12.58 16.70 1.86
CA GLU A 138 12.29 15.89 3.04
C GLU A 138 11.51 14.64 2.65
N VAL A 139 11.81 13.53 3.30
CA VAL A 139 11.05 12.31 3.08
C VAL A 139 9.73 12.40 3.85
N VAL A 140 8.63 12.44 3.10
CA VAL A 140 7.31 12.60 3.72
C VAL A 140 6.62 11.26 3.91
N HIS A 141 7.08 10.23 3.22
CA HIS A 141 6.47 8.90 3.31
C HIS A 141 7.48 7.84 2.96
N THR A 142 7.46 6.74 3.71
CA THR A 142 8.25 5.56 3.39
C THR A 142 7.31 4.38 3.31
N LEU A 143 7.42 3.64 2.22
CA LEU A 143 6.57 2.49 1.94
C LEU A 143 7.44 1.24 1.83
N HIS A 144 7.11 0.19 2.59
CA HIS A 144 7.83 -1.09 2.49
C HIS A 144 6.87 -2.17 1.99
N THR A 145 7.18 -2.75 0.85
CA THR A 145 6.36 -3.78 0.22
C THR A 145 7.07 -5.11 0.24
N THR A 146 6.48 -6.11 0.86
CA THR A 146 7.08 -7.45 0.86
C THR A 146 6.18 -8.37 0.07
N VAL A 147 6.82 -9.13 -0.82
CA VAL A 147 6.14 -10.13 -1.62
C VAL A 147 6.89 -11.44 -1.53
N VAL A 148 6.20 -12.53 -1.79
CA VAL A 148 6.88 -13.79 -1.96
C VAL A 148 6.90 -14.10 -3.45
N GLY A 149 8.03 -14.62 -3.92
CA GLY A 149 8.14 -15.03 -5.30
C GLY A 149 7.34 -16.28 -5.58
N ILE A 150 6.57 -16.24 -6.67
CA ILE A 150 5.72 -17.34 -7.08
C ILE A 150 6.34 -17.97 -8.33
N THR A 151 6.43 -19.31 -8.36
CA THR A 151 7.07 -20.01 -9.47
C THR A 151 6.05 -20.59 -10.44
N ALA A 152 6.54 -21.06 -11.59
CA ALA A 152 5.67 -21.66 -12.61
C ALA A 152 4.94 -22.88 -12.06
N GLU A 153 5.54 -23.54 -11.07
CA GLU A 153 5.00 -24.77 -10.52
C GLU A 153 3.91 -24.52 -9.49
N ASP A 154 3.75 -23.26 -9.08
CA ASP A 154 2.72 -22.89 -8.11
C ASP A 154 1.36 -22.74 -8.77
N VAL A 155 1.35 -22.71 -10.10
CA VAL A 155 0.13 -22.37 -10.82
C VAL A 155 -0.05 -23.24 -12.05
N ASP A 156 -1.29 -23.32 -12.50
CA ASP A 156 -1.63 -24.00 -13.74
C ASP A 156 -0.88 -23.32 -14.89
N PRO A 157 -0.18 -24.09 -15.73
CA PRO A 157 0.54 -23.54 -16.90
C PRO A 157 -0.35 -22.76 -17.86
N ALA A 158 -1.64 -23.08 -17.86
CA ALA A 158 -2.59 -22.40 -18.74
C ALA A 158 -2.78 -20.94 -18.33
N ILE A 159 -2.26 -20.57 -17.16
CA ILE A 159 -2.47 -19.22 -16.68
C ILE A 159 -1.77 -18.20 -17.57
N ARG A 160 -0.64 -18.58 -18.18
CA ARG A 160 0.13 -17.60 -18.95
C ARG A 160 -0.59 -17.13 -20.22
N PRO A 161 -1.09 -18.06 -21.08
CA PRO A 161 -1.86 -17.56 -22.23
C PRO A 161 -3.12 -16.82 -21.82
N ALA A 162 -3.73 -17.23 -20.71
CA ALA A 162 -4.93 -16.55 -20.24
C ALA A 162 -4.62 -15.13 -19.86
N VAL A 163 -3.54 -14.95 -19.11
CA VAL A 163 -3.14 -13.61 -18.67
C VAL A 163 -2.76 -12.74 -19.88
N GLN A 164 -1.98 -13.30 -20.80
N GLN A 164 -1.99 -13.30 -20.81
CA GLN A 164 -1.59 -12.57 -22.00
CA GLN A 164 -1.60 -12.56 -22.01
C GLN A 164 -2.82 -12.06 -22.77
C GLN A 164 -2.83 -12.03 -22.74
N GLY A 165 -3.89 -12.84 -22.74
CA GLY A 165 -5.12 -12.49 -23.45
C GLY A 165 -5.84 -11.28 -22.89
N VAL A 166 -5.75 -11.11 -21.57
CA VAL A 166 -6.49 -10.02 -20.94
C VAL A 166 -5.65 -8.81 -20.53
N MET A 167 -4.33 -8.93 -20.49
N MET A 167 -4.33 -8.94 -20.48
CA MET A 167 -3.49 -7.85 -19.98
CA MET A 167 -3.52 -7.84 -19.95
C MET A 167 -3.73 -6.53 -20.71
C MET A 167 -3.75 -6.54 -20.70
N MET A 168 -3.79 -5.43 -19.97
CA MET A 168 -3.99 -4.13 -20.60
C MET A 168 -2.78 -3.78 -21.45
N HIS A 169 -2.99 -2.88 -22.42
CA HIS A 169 -1.96 -2.46 -23.36
C HIS A 169 -1.35 -1.09 -23.07
N GLY A 170 -2.09 -0.23 -22.36
CA GLY A 170 -1.64 1.13 -22.14
C GLY A 170 -0.26 1.24 -21.50
N ILE A 171 0.61 1.99 -22.16
CA ILE A 171 1.99 2.16 -21.75
C ILE A 171 2.19 3.41 -20.91
N ASN A 172 2.90 3.29 -19.80
CA ASN A 172 3.36 4.45 -19.05
C ASN A 172 4.59 5.02 -19.74
N MET A 173 4.40 6.13 -20.45
CA MET A 173 5.49 6.69 -21.26
C MET A 173 6.56 7.32 -20.39
N LEU A 174 6.24 7.61 -19.14
CA LEU A 174 7.23 8.21 -18.24
C LEU A 174 8.38 7.26 -17.94
N GLY A 175 9.59 7.71 -18.26
CA GLY A 175 10.81 6.95 -18.00
C GLY A 175 10.85 5.61 -18.69
N VAL A 176 10.10 5.49 -19.77
CA VAL A 176 9.91 4.20 -20.44
C VAL A 176 11.24 3.67 -20.98
N GLU A 177 12.15 4.59 -21.34
CA GLU A 177 13.48 4.21 -21.81
C GLU A 177 14.34 3.62 -20.67
N GLU A 178 14.42 4.34 -19.55
CA GLU A 178 15.18 3.85 -18.39
C GLU A 178 14.56 2.57 -17.82
N THR A 179 13.24 2.49 -17.86
CA THR A 179 12.52 1.31 -17.36
C THR A 179 12.91 0.05 -18.12
N ASN A 180 13.05 0.15 -19.44
CA ASN A 180 13.31 -1.01 -20.28
C ASN A 180 14.77 -1.21 -20.67
N ALA A 181 15.67 -0.45 -20.04
CA ALA A 181 17.10 -0.57 -20.29
C ALA A 181 17.65 -1.91 -19.77
N PRO A 182 18.77 -2.37 -20.34
CA PRO A 182 19.43 -3.59 -19.81
C PRO A 182 19.78 -3.47 -18.32
N TYR A 183 19.91 -4.59 -17.61
CA TYR A 183 20.24 -4.53 -16.18
C TYR A 183 21.72 -4.24 -15.89
N GLU A 184 21.94 -3.46 -14.84
CA GLU A 184 23.27 -3.15 -14.29
C GLU A 184 23.10 -2.67 -12.85
N LYS A 185 23.95 -3.09 -11.91
CA LYS A 185 23.65 -2.79 -10.51
C LYS A 185 24.05 -1.38 -10.09
N THR A 186 23.14 -0.74 -9.36
N THR A 186 23.14 -0.73 -9.35
CA THR A 186 23.34 0.59 -8.82
CA THR A 186 23.38 0.60 -8.82
C THR A 186 22.89 0.60 -7.36
C THR A 186 22.83 0.68 -7.40
N VAL A 187 23.57 1.36 -6.52
CA VAL A 187 23.19 1.43 -5.11
C VAL A 187 22.87 2.86 -4.69
N ARG A 188 22.27 3.00 -3.51
CA ARG A 188 21.92 4.32 -3.01
C ARG A 188 23.17 5.09 -2.63
N PRO A 189 23.28 6.34 -3.11
CA PRO A 189 24.38 7.24 -2.76
C PRO A 189 24.51 7.41 -1.24
N GLU A 190 25.66 7.87 -0.78
CA GLU A 190 25.92 7.93 0.66
C GLU A 190 24.94 8.89 1.34
N GLY A 191 24.33 8.39 2.43
CA GLY A 191 23.02 8.84 2.85
C GLY A 191 22.80 10.13 3.62
N GLU A 192 22.27 9.96 4.83
CA GLU A 192 21.67 11.05 5.61
C GLU A 192 20.45 11.60 4.87
N LEU A 193 19.34 10.88 4.96
CA LEU A 193 18.09 11.43 4.44
C LEU A 193 17.39 12.19 5.55
N ARG A 194 16.71 13.26 5.17
CA ARG A 194 16.01 14.07 6.14
C ARG A 194 14.54 13.67 6.16
N ILE A 195 14.09 13.17 7.31
CA ILE A 195 12.70 12.76 7.47
C ILE A 195 11.86 13.97 7.86
N ALA A 196 10.73 14.17 7.16
CA ALA A 196 9.81 15.25 7.50
C ALA A 196 9.34 15.11 8.94
N GLN A 197 9.37 16.21 9.68
CA GLN A 197 8.96 16.18 11.08
C GLN A 197 7.53 16.67 11.30
N GLY A 198 6.85 17.10 10.23
CA GLY A 198 5.53 17.67 10.39
C GLY A 198 4.51 16.74 11.06
N GLY A 199 4.61 15.46 10.78
CA GLY A 199 3.67 14.53 11.38
C GLY A 199 3.84 14.43 12.89
N ALA A 200 5.06 14.68 13.35
CA ALA A 200 5.35 14.59 14.77
C ALA A 200 5.07 15.88 15.53
N THR A 201 5.08 17.01 14.81
CA THR A 201 4.98 18.31 15.46
C THR A 201 3.61 18.96 15.31
N ARG A 202 2.86 18.56 14.28
CA ARG A 202 1.52 19.12 14.07
C ARG A 202 0.59 18.80 15.24
N THR A 203 -0.45 19.60 15.42
CA THR A 203 -1.50 19.28 16.41
C THR A 203 -2.50 18.29 15.82
N PRO A 204 -2.59 17.08 16.41
CA PRO A 204 -3.52 16.09 15.85
C PRO A 204 -4.96 16.51 16.06
N THR A 205 -5.84 16.09 15.17
CA THR A 205 -7.26 16.36 15.35
C THR A 205 -8.00 15.07 15.71
N SER A 206 -7.28 14.16 16.34
CA SER A 206 -7.81 12.86 16.75
C SER A 206 -8.44 12.90 18.14
N LEU A 207 -8.96 11.76 18.55
CA LEU A 207 -9.47 11.57 19.91
C LEU A 207 -8.49 12.08 20.97
N ASN A 208 -9.05 12.55 22.08
CA ASN A 208 -8.23 12.98 23.18
C ASN A 208 -7.59 11.77 23.85
N PHE A 209 -6.29 11.80 23.99
CA PHE A 209 -5.53 10.72 24.62
C PHE A 209 -6.11 10.28 25.97
N ASP A 210 -6.61 11.25 26.73
CA ASP A 210 -6.97 10.94 28.11
C ASP A 210 -8.33 10.24 28.21
N ASP A 211 -9.03 10.15 27.08
CA ASP A 211 -10.29 9.43 27.02
C ASP A 211 -10.10 7.96 26.71
N LEU A 212 -8.86 7.56 26.47
CA LEU A 212 -8.57 6.20 26.01
C LEU A 212 -8.07 5.27 27.11
N LYS A 213 -8.28 3.97 26.92
CA LYS A 213 -7.73 2.97 27.83
C LYS A 213 -7.16 1.81 27.06
N VAL A 214 -6.07 1.26 27.57
CA VAL A 214 -5.54 0.03 27.00
C VAL A 214 -6.62 -1.06 27.05
N GLY A 215 -6.78 -1.77 25.94
CA GLY A 215 -7.78 -2.81 25.83
C GLY A 215 -9.13 -2.35 25.28
N GLU A 216 -9.31 -1.04 25.14
CA GLU A 216 -10.55 -0.50 24.58
C GLU A 216 -10.78 -1.03 23.18
N GLU A 217 -11.98 -1.55 22.93
CA GLU A 217 -12.35 -2.08 21.62
C GLU A 217 -12.83 -0.99 20.67
N LEU A 218 -12.37 -1.06 19.42
CA LEU A 218 -12.94 -0.22 18.38
C LEU A 218 -14.29 -0.80 17.97
N PRO A 219 -15.27 0.06 17.66
CA PRO A 219 -16.52 -0.54 17.17
C PRO A 219 -16.30 -1.31 15.87
N VAL A 220 -17.01 -2.42 15.73
CA VAL A 220 -16.90 -3.27 14.56
C VAL A 220 -17.46 -2.56 13.33
N HIS A 221 -16.78 -2.70 12.21
CA HIS A 221 -17.22 -2.07 10.98
C HIS A 221 -17.31 -3.10 9.87
N THR A 222 -18.45 -3.17 9.20
CA THR A 222 -18.59 -4.05 8.06
C THR A 222 -18.43 -3.28 6.77
N ALA A 223 -17.41 -3.64 5.97
CA ALA A 223 -17.23 -3.06 4.64
C ALA A 223 -17.78 -4.02 3.60
N ARG A 224 -18.51 -3.48 2.65
N ARG A 224 -18.54 -3.47 2.66
CA ARG A 224 -18.99 -4.30 1.55
CA ARG A 224 -19.02 -4.26 1.53
C ARG A 224 -18.02 -4.20 0.38
C ARG A 224 -17.98 -4.20 0.42
N LEU A 225 -17.76 -5.34 -0.26
CA LEU A 225 -16.82 -5.39 -1.38
C LEU A 225 -17.44 -6.18 -2.52
N SER A 226 -17.42 -5.59 -3.70
CA SER A 226 -18.00 -6.20 -4.89
C SER A 226 -16.98 -6.28 -6.00
N ARG A 227 -17.30 -7.04 -7.04
CA ARG A 227 -16.47 -7.09 -8.22
C ARG A 227 -16.21 -5.70 -8.79
N GLY A 228 -17.22 -4.83 -8.75
CA GLY A 228 -17.08 -3.48 -9.25
C GLY A 228 -16.12 -2.62 -8.44
N ASP A 229 -16.07 -2.85 -7.13
CA ASP A 229 -15.07 -2.18 -6.28
C ASP A 229 -13.65 -2.51 -6.74
N LEU A 230 -13.45 -3.77 -7.07
CA LEU A 230 -12.15 -4.26 -7.47
C LEU A 230 -11.77 -3.71 -8.85
N VAL A 231 -12.72 -3.74 -9.79
CA VAL A 231 -12.47 -3.16 -11.11
C VAL A 231 -12.14 -1.67 -11.00
N ASN A 232 -12.92 -0.94 -10.22
CA ASN A 232 -12.66 0.46 -10.03
C ASN A 232 -11.27 0.70 -9.42
N TYR A 233 -10.93 -0.06 -8.39
CA TYR A 233 -9.62 0.06 -7.77
C TYR A 233 -8.49 -0.25 -8.76
N ALA A 234 -8.68 -1.28 -9.58
CA ALA A 234 -7.68 -1.64 -10.58
C ALA A 234 -7.32 -0.44 -11.45
N GLY A 235 -8.31 0.30 -11.94
CA GLY A 235 -8.02 1.46 -12.78
C GLY A 235 -7.49 2.65 -11.98
N VAL A 236 -8.12 2.92 -10.85
CA VAL A 236 -7.72 4.07 -10.05
C VAL A 236 -6.29 3.91 -9.54
N ALA A 237 -5.96 2.71 -9.08
CA ALA A 237 -4.63 2.49 -8.49
C ALA A 237 -3.60 2.00 -9.52
N GLY A 238 -4.05 1.77 -10.75
CA GLY A 238 -3.13 1.31 -11.78
C GLY A 238 -2.57 -0.07 -11.56
N ASP A 239 -3.38 -0.96 -11.00
CA ASP A 239 -2.98 -2.35 -10.78
C ASP A 239 -3.59 -3.21 -11.88
N ALA A 240 -2.73 -3.72 -12.75
CA ALA A 240 -3.19 -4.45 -13.94
C ALA A 240 -3.39 -5.95 -13.71
N ASN A 241 -3.27 -6.41 -12.46
CA ASN A 241 -3.29 -7.86 -12.22
C ASN A 241 -4.71 -8.43 -12.32
N PRO A 242 -4.92 -9.41 -13.23
CA PRO A 242 -6.28 -9.89 -13.50
C PRO A 242 -6.83 -10.84 -12.43
N LEU A 243 -6.02 -11.18 -11.43
CA LEU A 243 -6.51 -12.01 -10.32
C LEU A 243 -7.66 -11.31 -9.61
N HIS A 244 -7.73 -9.99 -9.77
CA HIS A 244 -8.73 -9.18 -9.08
C HIS A 244 -9.97 -8.87 -9.90
N TRP A 245 -10.09 -9.47 -11.10
CA TRP A 245 -11.29 -9.25 -11.88
C TRP A 245 -11.60 -10.32 -12.93
N ASP A 246 -10.70 -11.30 -13.10
CA ASP A 246 -11.02 -12.39 -14.02
C ASP A 246 -11.13 -13.69 -13.24
N GLU A 247 -12.35 -14.20 -13.10
CA GLU A 247 -12.58 -15.41 -12.31
C GLU A 247 -11.83 -16.62 -12.83
N ASN A 248 -11.77 -16.77 -14.16
CA ASN A 248 -11.03 -17.87 -14.77
C ASN A 248 -9.56 -17.86 -14.35
N ILE A 249 -8.91 -16.70 -14.46
CA ILE A 249 -7.47 -16.60 -14.14
C ILE A 249 -7.23 -16.77 -12.64
N ALA A 250 -8.16 -16.26 -11.82
CA ALA A 250 -8.04 -16.44 -10.39
C ALA A 250 -8.05 -17.92 -10.02
N LYS A 251 -8.92 -18.68 -10.67
CA LYS A 251 -8.99 -20.12 -10.43
C LYS A 251 -7.74 -20.85 -10.93
N LEU A 252 -7.22 -20.43 -12.09
CA LEU A 252 -5.97 -21.00 -12.62
C LEU A 252 -4.82 -20.73 -11.66
N ALA A 253 -4.96 -19.66 -10.87
CA ALA A 253 -4.00 -19.30 -9.85
C ALA A 253 -4.29 -20.01 -8.51
N GLY A 254 -5.26 -20.91 -8.50
CA GLY A 254 -5.56 -21.70 -7.32
C GLY A 254 -6.43 -21.02 -6.28
N GLN A 255 -7.09 -19.93 -6.64
CA GLN A 255 -8.03 -19.26 -5.74
C GLN A 255 -9.44 -19.79 -6.00
N PRO A 256 -10.35 -19.66 -5.03
CA PRO A 256 -11.69 -20.18 -5.31
C PRO A 256 -12.56 -19.25 -6.16
N ASP A 257 -12.12 -18.00 -6.31
CA ASP A 257 -12.85 -17.01 -7.06
C ASP A 257 -11.93 -15.79 -7.19
N VAL A 258 -12.44 -14.71 -7.79
CA VAL A 258 -11.75 -13.44 -7.81
C VAL A 258 -11.39 -13.05 -6.39
N ILE A 259 -10.24 -12.41 -6.22
N ILE A 259 -10.20 -12.48 -6.19
CA ILE A 259 -9.74 -12.01 -4.91
CA ILE A 259 -9.82 -12.01 -4.85
C ILE A 259 -9.44 -10.51 -4.86
C ILE A 259 -9.54 -10.51 -4.87
N ALA A 260 -9.77 -9.86 -3.74
CA ALA A 260 -9.54 -8.43 -3.60
C ALA A 260 -8.05 -8.09 -3.60
N HIS A 261 -7.69 -6.91 -4.10
CA HIS A 261 -6.33 -6.42 -3.93
C HIS A 261 -5.93 -6.37 -2.45
N GLY A 262 -4.76 -6.89 -2.09
CA GLY A 262 -4.27 -6.72 -0.74
C GLY A 262 -4.26 -5.25 -0.34
N MET A 263 -3.82 -4.38 -1.25
CA MET A 263 -3.72 -2.95 -0.92
C MET A 263 -5.09 -2.36 -0.66
N LEU A 264 -6.11 -2.88 -1.34
CA LEU A 264 -7.47 -2.37 -1.12
C LEU A 264 -7.98 -2.76 0.26
N THR A 265 -7.74 -4.00 0.67
CA THR A 265 -8.17 -4.38 2.02
C THR A 265 -7.37 -3.59 3.06
N MET A 266 -6.13 -3.24 2.75
CA MET A 266 -5.37 -2.40 3.67
C MET A 266 -5.95 -0.98 3.70
N GLY A 267 -6.35 -0.44 2.55
CA GLY A 267 -6.93 0.90 2.51
C GLY A 267 -8.25 0.99 3.27
N LEU A 268 -9.08 -0.05 3.15
CA LEU A 268 -10.30 -0.09 3.95
C LEU A 268 -9.96 -0.13 5.44
N GLY A 269 -8.87 -0.82 5.79
CA GLY A 269 -8.43 -0.87 7.19
C GLY A 269 -7.97 0.49 7.70
N ALA A 270 -7.27 1.24 6.85
CA ALA A 270 -6.80 2.56 7.25
C ALA A 270 -8.00 3.51 7.44
N GLY A 271 -9.01 3.39 6.58
CA GLY A 271 -10.21 4.21 6.71
C GLY A 271 -10.98 3.85 7.98
N PHE A 272 -11.04 2.56 8.30
CA PHE A 272 -11.62 2.09 9.55
C PHE A 272 -10.92 2.75 10.76
N VAL A 273 -9.59 2.75 10.74
CA VAL A 273 -8.84 3.39 11.83
C VAL A 273 -9.07 4.88 11.88
N SER A 274 -9.04 5.58 10.74
CA SER A 274 -9.17 7.03 10.80
C SER A 274 -10.62 7.49 11.09
N SER A 275 -11.59 6.68 10.73
N SER A 275 -11.59 6.68 10.71
CA SER A 275 -12.98 6.99 11.06
CA SER A 275 -12.97 6.99 11.06
C SER A 275 -13.21 6.92 12.56
C SER A 275 -13.13 6.98 12.58
N TRP A 276 -12.43 6.06 13.22
CA TRP A 276 -12.49 5.94 14.66
C TRP A 276 -11.63 7.02 15.33
N SER A 277 -10.38 7.17 14.87
CA SER A 277 -9.44 8.05 15.56
C SER A 277 -9.75 9.52 15.30
N GLY A 278 -10.34 9.79 14.14
CA GLY A 278 -10.70 11.15 13.79
C GLY A 278 -9.76 11.93 12.88
N ASP A 279 -8.54 11.44 12.66
CA ASP A 279 -7.53 12.24 11.93
C ASP A 279 -6.65 11.31 11.09
N PRO A 280 -6.90 11.23 9.78
CA PRO A 280 -6.05 10.38 8.91
C PRO A 280 -4.56 10.77 9.03
N GLY A 281 -4.28 12.04 9.27
CA GLY A 281 -2.90 12.50 9.30
C GLY A 281 -2.16 12.08 10.57
N ALA A 282 -2.92 11.64 11.57
CA ALA A 282 -2.34 11.26 12.88
C ALA A 282 -1.82 9.84 12.93
N ILE A 283 -2.11 9.04 11.90
CA ILE A 283 -1.61 7.68 11.85
C ILE A 283 -0.19 7.69 11.30
N THR A 284 0.81 7.56 12.17
CA THR A 284 2.20 7.72 11.76
C THR A 284 2.81 6.43 11.19
N ARG A 285 2.25 5.28 11.56
CA ARG A 285 2.72 4.01 11.03
C ARG A 285 1.54 3.04 10.92
N TYR A 286 1.52 2.27 9.86
CA TYR A 286 0.49 1.27 9.65
C TYR A 286 1.16 0.07 9.03
N ALA A 287 1.08 -1.06 9.73
CA ALA A 287 1.82 -2.26 9.32
C ALA A 287 0.87 -3.40 9.25
N VAL A 288 0.80 -4.05 8.09
CA VAL A 288 -0.17 -5.11 7.90
C VAL A 288 0.48 -6.34 7.30
N ARG A 289 0.37 -7.48 7.99
CA ARG A 289 0.69 -8.79 7.42
C ARG A 289 -0.60 -9.38 6.90
N LEU A 290 -0.62 -9.85 5.67
CA LEU A 290 -1.82 -10.48 5.15
C LEU A 290 -1.89 -11.94 5.57
N SER A 291 -3.09 -12.49 5.58
CA SER A 291 -3.29 -13.91 5.84
C SER A 291 -3.93 -14.55 4.61
N GLN A 292 -5.22 -14.84 4.68
N GLN A 292 -5.22 -14.85 4.68
CA GLN A 292 -5.93 -15.42 3.54
CA GLN A 292 -5.93 -15.44 3.55
C GLN A 292 -6.51 -14.32 2.65
C GLN A 292 -6.52 -14.33 2.66
N PRO A 293 -6.56 -14.56 1.34
CA PRO A 293 -7.14 -13.54 0.48
C PRO A 293 -8.64 -13.34 0.71
N ALA A 294 -9.14 -12.14 0.49
CA ALA A 294 -10.57 -11.86 0.54
C ALA A 294 -11.24 -12.22 -0.79
N VAL A 295 -12.06 -13.26 -0.74
CA VAL A 295 -12.70 -13.78 -1.94
C VAL A 295 -13.89 -12.92 -2.28
N VAL A 296 -14.01 -12.52 -3.54
CA VAL A 296 -15.09 -11.63 -3.94
C VAL A 296 -15.90 -12.27 -5.06
N PRO A 297 -16.99 -12.97 -4.71
CA PRO A 297 -17.81 -13.61 -5.73
C PRO A 297 -18.77 -12.64 -6.44
N ALA A 298 -19.49 -13.15 -7.44
CA ALA A 298 -20.37 -12.28 -8.23
C ALA A 298 -21.48 -11.65 -7.39
N GLU A 299 -21.83 -12.28 -6.28
CA GLU A 299 -22.88 -11.71 -5.42
C GLU A 299 -22.35 -10.68 -4.42
N GLY A 300 -21.03 -10.59 -4.31
CA GLY A 300 -20.42 -9.63 -3.40
C GLY A 300 -20.11 -10.29 -2.08
N THR A 301 -19.35 -9.59 -1.26
CA THR A 301 -19.00 -10.09 0.06
C THR A 301 -18.89 -8.94 1.04
N GLU A 302 -18.55 -9.28 2.29
CA GLU A 302 -18.30 -8.32 3.35
C GLU A 302 -16.96 -8.59 3.96
N ILE A 303 -16.29 -7.54 4.43
CA ILE A 303 -15.13 -7.68 5.30
C ILE A 303 -15.42 -6.98 6.62
N GLU A 304 -15.23 -7.70 7.71
CA GLU A 304 -15.48 -7.12 9.02
C GLU A 304 -14.18 -6.66 9.64
N TYR A 305 -14.08 -5.38 9.94
CA TYR A 305 -12.91 -4.80 10.61
C TYR A 305 -13.22 -4.61 12.08
N SER A 306 -12.22 -4.92 12.89
CA SER A 306 -12.33 -4.77 14.34
C SER A 306 -10.96 -4.40 14.86
N GLY A 307 -10.88 -4.06 16.13
CA GLY A 307 -9.59 -3.71 16.67
C GLY A 307 -9.63 -3.29 18.13
N ARG A 308 -8.46 -3.12 18.74
CA ARG A 308 -8.39 -2.72 20.14
C ARG A 308 -7.09 -1.99 20.42
N ILE A 309 -7.11 -1.15 21.43
CA ILE A 309 -5.89 -0.44 21.82
C ILE A 309 -4.92 -1.42 22.53
N LYS A 310 -3.75 -1.60 21.94
CA LYS A 310 -2.69 -2.45 22.48
C LYS A 310 -1.85 -1.74 23.54
N SER A 311 -1.55 -0.47 23.29
CA SER A 311 -0.72 0.29 24.20
C SER A 311 -0.96 1.77 24.08
N LEU A 312 -0.62 2.50 25.14
CA LEU A 312 -0.71 3.95 25.21
C LEU A 312 0.55 4.51 25.84
N ASP A 313 1.03 5.65 25.33
CA ASP A 313 2.22 6.29 25.84
C ASP A 313 1.90 7.73 26.21
N PRO A 314 1.82 8.03 27.53
CA PRO A 314 1.37 9.37 27.95
C PRO A 314 2.40 10.45 27.67
N GLU A 315 3.65 10.06 27.47
CA GLU A 315 4.69 11.06 27.21
C GLU A 315 4.50 11.71 25.84
N THR A 316 4.20 10.88 24.84
CA THR A 316 4.01 11.37 23.48
C THR A 316 2.53 11.45 23.09
N ARG A 317 1.67 10.99 24.00
CA ARG A 317 0.23 10.93 23.80
C ARG A 317 -0.09 10.20 22.49
N THR A 318 0.55 9.04 22.35
CA THR A 318 0.34 8.18 21.21
C THR A 318 -0.18 6.82 21.67
N GLY A 319 -0.70 6.04 20.74
CA GLY A 319 -1.07 4.68 21.07
C GLY A 319 -0.89 3.75 19.89
N VAL A 320 -0.92 2.46 20.15
CA VAL A 320 -0.87 1.44 19.10
C VAL A 320 -2.17 0.67 19.13
N VAL A 321 -2.78 0.52 17.97
CA VAL A 321 -4.04 -0.22 17.81
C VAL A 321 -3.79 -1.47 17.00
N ILE A 322 -4.30 -2.60 17.45
CA ILE A 322 -4.29 -3.83 16.65
C ILE A 322 -5.54 -3.84 15.79
N VAL A 323 -5.39 -4.10 14.50
N VAL A 323 -5.37 -4.11 14.48
CA VAL A 323 -6.54 -4.13 13.61
CA VAL A 323 -6.49 -4.13 13.53
C VAL A 323 -6.70 -5.54 13.02
C VAL A 323 -6.69 -5.56 13.03
N ALA A 324 -7.94 -6.05 13.10
CA ALA A 324 -8.26 -7.38 12.58
C ALA A 324 -9.23 -7.24 11.40
N ALA A 325 -9.20 -8.20 10.47
CA ALA A 325 -10.09 -8.18 9.33
C ALA A 325 -10.44 -9.60 8.97
N LYS A 326 -11.74 -9.87 8.81
CA LYS A 326 -12.19 -11.22 8.46
C LYS A 326 -13.25 -11.14 7.37
N SER A 327 -13.31 -12.16 6.51
CA SER A 327 -14.20 -12.12 5.35
C SER A 327 -14.47 -13.51 4.81
N GLY A 328 -15.75 -13.81 4.58
CA GLY A 328 -16.15 -15.07 4.00
C GLY A 328 -15.61 -16.28 4.76
N GLY A 329 -15.53 -16.16 6.09
CA GLY A 329 -15.07 -17.25 6.94
C GLY A 329 -13.56 -17.33 7.07
N ARG A 330 -12.86 -16.36 6.49
CA ARG A 330 -11.40 -16.35 6.43
C ARG A 330 -10.85 -15.18 7.23
N LYS A 331 -9.68 -15.37 7.84
CA LYS A 331 -8.89 -14.27 8.41
C LYS A 331 -8.11 -13.59 7.29
N ILE A 332 -8.33 -12.28 7.09
CA ILE A 332 -7.75 -11.54 5.98
C ILE A 332 -6.43 -10.90 6.41
N PHE A 333 -6.40 -10.41 7.65
CA PHE A 333 -5.15 -9.87 8.21
C PHE A 333 -4.55 -10.87 9.19
N GLY A 334 -3.23 -10.99 9.15
CA GLY A 334 -2.47 -11.55 10.26
C GLY A 334 -2.23 -10.41 11.24
N LEU A 335 -1.03 -10.32 11.81
CA LEU A 335 -0.75 -9.20 12.71
C LEU A 335 -0.78 -7.87 11.95
N ALA A 336 -1.55 -6.92 12.46
CA ALA A 336 -1.66 -5.61 11.82
C ALA A 336 -1.82 -4.57 12.90
N THR A 337 -1.05 -3.49 12.80
CA THR A 337 -1.08 -2.44 13.82
C THR A 337 -1.07 -1.06 13.20
N ALA A 338 -1.60 -0.10 13.95
CA ALA A 338 -1.51 1.31 13.58
C ALA A 338 -1.00 2.09 14.77
N THR A 339 -0.01 2.95 14.53
CA THR A 339 0.49 3.84 15.56
C THR A 339 -0.13 5.19 15.30
N ILE A 340 -0.73 5.78 16.33
CA ILE A 340 -1.57 6.96 16.17
C ILE A 340 -1.23 8.04 17.20
N ARG A 341 -1.14 9.28 16.75
CA ARG A 341 -0.99 10.42 17.66
C ARG A 341 -2.37 10.89 18.09
N PHE A 342 -2.56 11.04 19.39
CA PHE A 342 -3.82 11.53 19.92
C PHE A 342 -3.69 12.96 20.41
N SER A 343 -4.83 13.61 20.60
CA SER A 343 -4.82 15.01 20.98
C SER A 343 -4.76 15.21 22.49
OH POG B . 4.42 -1.66 -5.94
C2 POG B . 4.09 -1.92 -4.61
C1 POG B . 3.76 -0.60 -3.90
C3 POG B . 2.88 -2.87 -4.59
O2 POG B . 3.30 -4.09 -5.14
C5 POG B . 2.30 -5.04 -5.30
O6 POG B . 1.86 -6.10 -9.92
C13 POG B . 3.25 -6.08 -9.77
C14 POG B . 3.55 -6.61 -8.38
O7 POG B . 3.17 -5.63 -7.43
C15 POG B . 2.81 -6.16 -6.19
C16 POG B . 1.90 -5.61 -3.94
C17 POG B . 5.04 -6.92 -8.24
C1 BTB C . -11.65 -9.49 17.51
O1 BTB C . -11.33 -9.37 16.15
C2 BTB C . -10.75 -8.60 18.41
C3 BTB C . -10.81 -7.15 17.90
O3 BTB C . -10.05 -6.34 18.77
C4 BTB C . -11.38 -8.64 19.80
O4 BTB C . -10.42 -8.34 20.79
N BTB C . -9.38 -9.10 18.52
C5 BTB C . -8.57 -8.90 17.33
C6 BTB C . -7.48 -7.86 17.57
O6 BTB C . -6.90 -8.02 18.61
C7 BTB C . -9.37 -10.53 18.89
C8 BTB C . -8.06 -10.88 19.62
O8 BTB C . -7.87 -10.19 20.58
#